data_5NYY
#
_entry.id   5NYY
#
_cell.length_a   41.314
_cell.length_b   67.648
_cell.length_c   100.021
_cell.angle_alpha   90.000
_cell.angle_beta   90.000
_cell.angle_gamma   90.000
#
_symmetry.space_group_name_H-M   'P 21 21 21'
#
loop_
_entity.id
_entity.type
_entity.pdbx_description
1 polymer 'Non-specific serine/threonine protein kinase'
2 non-polymer 'CADMIUM ION'
3 non-polymer (4S)-2-METHYL-2,4-PENTANEDIOL
4 non-polymer (4R)-2-METHYLPENTANE-2,4-DIOL
5 non-polymer 'ACETATE ION'
6 non-polymer 'CALCIUM ION'
7 water water
#
_entity_poly.entity_id   1
_entity_poly.type   'polypeptide(L)'
_entity_poly.pdbx_seq_one_letter_code
;GHHHHHHAENLYFQGHMVAIPGGTFRMGGEDPDAFPEDGEGPVRTVRLSPFLIDRYAVSNRQFAAFVKATGYVTDAERYG
WSFVFHAHVAPGTPVMDAVVPEAPWWVAVPGAYWKAPEGPGSSITDRPNHPVVHVSWNDAVAYATWAGKRLPTEAEWEMA
ARGGLDQARYPWGNELTPRGRHRCNIWQGTFPVHDTGEDGYTGTAPVNAFAPNGYGLYNVAGNVWEWCADWWSADWHATE
SPATRIDPRGPETGTARVTKGGSFLCHESYCNRYRVAARTCNTPDSSAAHTGFRCAADPL
;
_entity_poly.pdbx_strand_id   A
#
loop_
_chem_comp.id
_chem_comp.type
_chem_comp.name
_chem_comp.formula
ACT non-polymer 'ACETATE ION' 'C2 H3 O2 -1'
CA non-polymer 'CALCIUM ION' 'Ca 2'
CD non-polymer 'CADMIUM ION' 'Cd 2'
MPD non-polymer (4S)-2-METHYL-2,4-PENTANEDIOL 'C6 H14 O2'
MRD non-polymer (4R)-2-METHYLPENTANE-2,4-DIOL 'C6 H14 O2'
#
# COMPACT_ATOMS: atom_id res chain seq x y z
N ASN A 10 18.74 10.00 -14.85
CA ASN A 10 17.61 10.88 -14.55
C ASN A 10 16.28 10.14 -14.55
N LEU A 11 15.33 10.68 -13.80
CA LEU A 11 13.97 10.13 -13.76
C LEU A 11 13.36 10.09 -15.15
N TYR A 12 12.70 8.97 -15.48
CA TYR A 12 11.94 8.91 -16.72
C TYR A 12 10.79 7.95 -16.57
N PHE A 13 9.89 7.99 -17.54
CA PHE A 13 8.69 7.17 -17.54
C PHE A 13 8.76 6.12 -18.62
N GLN A 14 8.20 4.95 -18.34
CA GLN A 14 8.17 3.83 -19.28
C GLN A 14 6.84 3.12 -19.09
N GLY A 15 5.98 3.15 -20.10
CA GLY A 15 4.65 2.61 -19.92
C GLY A 15 3.95 3.36 -18.80
N HIS A 16 3.42 2.61 -17.84
CA HIS A 16 2.83 3.19 -16.64
C HIS A 16 3.75 3.08 -15.44
N MET A 17 5.04 2.88 -15.68
CA MET A 17 6.01 2.83 -14.61
CA MET A 17 6.08 2.78 -14.67
C MET A 17 6.91 4.06 -14.65
N VAL A 18 7.55 4.31 -13.52
CA VAL A 18 8.56 5.34 -13.43
CA VAL A 18 8.55 5.36 -13.36
C VAL A 18 9.89 4.68 -13.09
N ALA A 19 10.92 5.09 -13.82
CA ALA A 19 12.28 4.62 -13.60
C ALA A 19 12.92 5.58 -12.60
N ILE A 20 13.06 5.12 -11.37
CA ILE A 20 13.70 5.87 -10.29
C ILE A 20 15.20 5.63 -10.39
N PRO A 21 16.02 6.67 -10.51
CA PRO A 21 17.46 6.45 -10.58
C PRO A 21 17.99 5.95 -9.23
N GLY A 22 19.17 5.34 -9.28
CA GLY A 22 19.82 4.96 -8.04
C GLY A 22 20.09 6.18 -7.17
N GLY A 23 19.90 6.03 -5.87
CA GLY A 23 20.19 7.17 -5.01
C GLY A 23 20.07 6.82 -3.54
N THR A 24 20.25 7.84 -2.73
CA THR A 24 20.27 7.70 -1.28
C THR A 24 19.17 8.57 -0.69
N PHE A 25 18.47 8.04 0.31
CA PHE A 25 17.39 8.78 0.96
C PHE A 25 17.32 8.37 2.43
N ARG A 26 16.61 9.17 3.21
CA ARG A 26 16.40 8.89 4.63
C ARG A 26 15.06 8.18 4.80
N MET A 27 15.13 6.91 5.15
CA MET A 27 13.98 6.06 5.36
C MET A 27 13.57 6.09 6.83
N GLY A 28 12.29 5.86 7.08
CA GLY A 28 11.78 5.76 8.43
C GLY A 28 11.27 7.08 8.96
N GLY A 29 10.94 7.10 10.25
CA GLY A 29 10.44 8.33 10.81
C GLY A 29 10.55 8.36 12.32
N GLU A 30 10.34 9.54 12.88
CA GLU A 30 10.37 9.80 14.31
C GLU A 30 9.08 10.47 14.77
N ASP A 31 7.95 10.08 14.19
CA ASP A 31 6.68 10.66 14.63
C ASP A 31 6.51 10.38 16.11
N PRO A 32 6.15 11.39 16.91
CA PRO A 32 6.13 11.18 18.37
C PRO A 32 5.07 10.21 18.83
N ASP A 33 4.07 9.91 18.01
CA ASP A 33 2.99 9.02 18.40
C ASP A 33 3.08 7.65 17.75
N ALA A 34 4.16 7.37 17.03
CA ALA A 34 4.31 6.07 16.38
C ALA A 34 4.28 4.94 17.41
N PHE A 35 3.65 3.84 17.03
CA PHE A 35 3.58 2.66 17.89
C PHE A 35 4.94 1.99 17.91
N PRO A 36 5.51 1.69 19.08
CA PRO A 36 6.85 1.07 19.12
C PRO A 36 6.94 -0.20 18.29
N GLU A 37 5.91 -1.04 18.35
CA GLU A 37 5.91 -2.31 17.62
C GLU A 37 5.91 -2.14 16.12
N ASP A 38 5.61 -0.95 15.59
CA ASP A 38 5.64 -0.75 14.14
C ASP A 38 7.04 -0.56 13.59
N GLY A 39 8.02 -0.22 14.44
CA GLY A 39 9.38 -0.07 13.94
C GLY A 39 9.55 0.97 12.86
N GLU A 40 8.90 2.12 12.98
CA GLU A 40 9.07 3.17 11.99
C GLU A 40 10.49 3.74 12.03
N GLY A 41 11.15 3.66 13.18
CA GLY A 41 12.52 4.12 13.30
C GLY A 41 13.52 2.98 13.29
N PRO A 42 14.81 3.32 13.36
CA PRO A 42 15.31 4.70 13.37
C PRO A 42 15.23 5.32 11.97
N VAL A 43 15.24 6.64 11.89
CA VAL A 43 15.54 7.29 10.63
C VAL A 43 16.93 6.85 10.21
N ARG A 44 17.09 6.47 8.95
CA ARG A 44 18.32 5.84 8.52
C ARG A 44 18.55 6.16 7.05
N THR A 45 19.81 6.30 6.68
CA THR A 45 20.17 6.64 5.32
CA THR A 45 20.17 6.64 5.31
C THR A 45 20.39 5.34 4.53
N VAL A 46 19.67 5.20 3.42
CA VAL A 46 19.62 3.97 2.64
C VAL A 46 19.96 4.32 1.20
N ARG A 47 20.84 3.52 0.58
CA ARG A 47 21.18 3.68 -0.82
C ARG A 47 20.57 2.55 -1.62
N LEU A 48 19.87 2.89 -2.71
CA LEU A 48 19.19 1.93 -3.56
C LEU A 48 19.75 1.98 -4.98
N SER A 49 19.80 0.80 -5.61
CA SER A 49 20.03 0.68 -7.04
C SER A 49 18.81 1.17 -7.82
N PRO A 50 19.01 1.55 -9.09
CA PRO A 50 17.86 1.99 -9.90
C PRO A 50 16.80 0.91 -10.02
N PHE A 51 15.55 1.35 -10.10
CA PHE A 51 14.44 0.41 -10.23
C PHE A 51 13.28 1.12 -10.89
N LEU A 52 12.34 0.33 -11.39
CA LEU A 52 11.08 0.83 -11.93
C LEU A 52 9.96 0.50 -10.95
N ILE A 53 8.99 1.40 -10.86
CA ILE A 53 7.83 1.15 -10.02
C ILE A 53 6.57 1.66 -10.70
N ASP A 54 5.47 0.93 -10.53
CA ASP A 54 4.18 1.33 -11.09
C ASP A 54 3.76 2.68 -10.52
N ARG A 55 3.31 3.58 -11.39
CA ARG A 55 2.77 4.83 -10.87
CA ARG A 55 2.71 4.85 -10.98
C ARG A 55 1.40 4.64 -10.25
N TYR A 56 0.71 3.55 -10.55
CA TYR A 56 -0.63 3.28 -10.05
C TYR A 56 -0.65 1.91 -9.41
N ALA A 57 -1.41 1.76 -8.32
CA ALA A 57 -1.71 0.43 -7.83
C ALA A 57 -2.44 -0.35 -8.91
N VAL A 58 -2.32 -1.68 -8.86
CA VAL A 58 -2.98 -2.52 -9.84
C VAL A 58 -4.49 -2.37 -9.73
N SER A 59 -5.17 -2.18 -10.86
CA SER A 59 -6.60 -1.89 -10.89
C SER A 59 -7.44 -3.15 -11.06
N ASN A 60 -8.74 -3.00 -10.81
CA ASN A 60 -9.68 -4.08 -11.07
C ASN A 60 -9.61 -4.57 -12.51
N ARG A 61 -9.61 -3.64 -13.46
CA ARG A 61 -9.57 -4.10 -14.85
C ARG A 61 -8.28 -4.83 -15.17
N GLN A 62 -7.16 -4.41 -14.58
CA GLN A 62 -5.91 -5.12 -14.80
C GLN A 62 -5.92 -6.50 -14.16
N PHE A 63 -6.42 -6.60 -12.93
CA PHE A 63 -6.48 -7.92 -12.30
C PHE A 63 -7.44 -8.82 -13.05
N ALA A 64 -8.53 -8.26 -13.57
CA ALA A 64 -9.48 -9.07 -14.33
C ALA A 64 -8.84 -9.63 -15.59
N ALA A 65 -7.97 -8.86 -16.25
CA ALA A 65 -7.28 -9.36 -17.43
C ALA A 65 -6.35 -10.51 -17.05
N PHE A 66 -5.67 -10.39 -15.90
CA PHE A 66 -4.83 -11.48 -15.40
C PHE A 66 -5.64 -12.73 -15.14
N VAL A 67 -6.79 -12.60 -14.46
CA VAL A 67 -7.62 -13.76 -14.15
C VAL A 67 -8.17 -14.38 -15.44
N LYS A 68 -8.57 -13.54 -16.40
CA LYS A 68 -9.08 -14.07 -17.66
C LYS A 68 -8.01 -14.85 -18.41
N ALA A 69 -6.76 -14.39 -18.37
CA ALA A 69 -5.68 -15.03 -19.11
C ALA A 69 -5.21 -16.32 -18.45
N THR A 70 -5.31 -16.43 -17.12
CA THR A 70 -4.69 -17.52 -16.38
C THR A 70 -5.66 -18.42 -15.65
N GLY A 71 -6.90 -17.99 -15.41
CA GLY A 71 -7.79 -18.73 -14.53
C GLY A 71 -7.44 -18.67 -13.07
N TYR A 72 -6.59 -17.72 -12.66
CA TYR A 72 -6.12 -17.66 -11.28
C TYR A 72 -7.29 -17.54 -10.30
N VAL A 73 -7.22 -18.31 -9.22
CA VAL A 73 -8.18 -18.28 -8.12
C VAL A 73 -7.46 -17.69 -6.91
N THR A 74 -8.03 -16.63 -6.33
CA THR A 74 -7.36 -15.93 -5.24
C THR A 74 -7.51 -16.69 -3.92
N ASP A 75 -6.61 -16.37 -2.98
CA ASP A 75 -6.68 -16.99 -1.66
C ASP A 75 -8.05 -16.78 -1.02
N ALA A 76 -8.63 -15.58 -1.16
CA ALA A 76 -9.93 -15.32 -0.54
C ALA A 76 -11.01 -16.22 -1.13
N GLU A 77 -10.92 -16.54 -2.41
CA GLU A 77 -11.86 -17.48 -3.00
C GLU A 77 -11.64 -18.90 -2.49
N ARG A 78 -10.38 -19.29 -2.28
CA ARG A 78 -10.11 -20.63 -1.78
C ARG A 78 -10.56 -20.78 -0.33
N TYR A 79 -10.37 -19.75 0.49
CA TYR A 79 -10.84 -19.80 1.87
C TYR A 79 -12.34 -19.57 1.98
N GLY A 80 -12.94 -18.85 1.03
CA GLY A 80 -14.36 -18.60 1.02
C GLY A 80 -14.80 -17.34 1.74
N TRP A 81 -13.88 -16.51 2.21
CA TRP A 81 -14.25 -15.30 2.92
C TRP A 81 -13.08 -14.34 2.88
N SER A 82 -13.37 -13.08 3.16
CA SER A 82 -12.34 -12.06 3.32
C SER A 82 -12.88 -10.96 4.24
N PHE A 83 -12.00 -10.05 4.65
CA PHE A 83 -12.37 -9.01 5.62
C PHE A 83 -12.99 -7.79 4.95
N VAL A 84 -14.16 -7.38 5.46
CA VAL A 84 -14.92 -6.25 4.94
C VAL A 84 -15.17 -5.28 6.09
N PHE A 85 -15.14 -3.98 5.79
CA PHE A 85 -15.41 -2.97 6.82
C PHE A 85 -16.91 -2.92 7.11
N HIS A 86 -17.24 -2.85 8.41
CA HIS A 86 -18.60 -3.07 8.88
C HIS A 86 -19.63 -2.21 8.14
N ALA A 87 -19.31 -0.93 7.88
CA ALA A 87 -20.31 -0.01 7.37
C ALA A 87 -20.69 -0.29 5.93
N HIS A 88 -19.87 -1.03 5.19
CA HIS A 88 -20.16 -1.34 3.80
C HIS A 88 -20.82 -2.70 3.61
N VAL A 89 -21.28 -3.32 4.71
CA VAL A 89 -21.98 -4.61 4.69
C VAL A 89 -21.41 -5.64 3.73
N VAL A 99 -15.42 -11.08 14.37
CA VAL A 99 -14.61 -9.89 14.18
C VAL A 99 -13.26 -10.02 14.88
N VAL A 100 -12.26 -9.29 14.39
CA VAL A 100 -10.94 -9.25 15.01
C VAL A 100 -11.08 -8.47 16.31
N PRO A 101 -10.79 -9.05 17.48
CA PRO A 101 -11.10 -8.35 18.73
C PRO A 101 -10.45 -6.98 18.85
N GLU A 102 -9.20 -6.85 18.40
CA GLU A 102 -8.49 -5.58 18.46
C GLU A 102 -8.95 -4.58 17.41
N ALA A 103 -9.71 -5.00 16.42
CA ALA A 103 -10.21 -4.12 15.36
C ALA A 103 -11.61 -4.59 14.97
N PRO A 104 -12.60 -4.31 15.81
CA PRO A 104 -13.93 -4.93 15.65
C PRO A 104 -14.74 -4.41 14.47
N TRP A 105 -14.28 -3.36 13.78
CA TRP A 105 -14.94 -2.90 12.56
C TRP A 105 -14.67 -3.81 11.37
N TRP A 106 -13.85 -4.84 11.53
CA TRP A 106 -13.52 -5.78 10.46
C TRP A 106 -14.35 -7.04 10.63
N VAL A 107 -15.13 -7.37 9.61
CA VAL A 107 -16.05 -8.52 9.62
C VAL A 107 -15.54 -9.53 8.60
N ALA A 108 -15.50 -10.80 8.99
CA ALA A 108 -15.18 -11.87 8.05
C ALA A 108 -16.45 -12.20 7.28
N VAL A 109 -16.45 -11.91 5.97
CA VAL A 109 -17.65 -11.99 5.16
C VAL A 109 -17.48 -13.13 4.15
N PRO A 110 -18.26 -14.20 4.27
CA PRO A 110 -18.22 -15.24 3.24
C PRO A 110 -18.56 -14.66 1.86
N GLY A 111 -17.76 -15.03 0.87
CA GLY A 111 -18.00 -14.56 -0.49
C GLY A 111 -17.49 -13.17 -0.79
N ALA A 112 -16.82 -12.51 0.15
CA ALA A 112 -16.11 -11.27 -0.18
C ALA A 112 -14.81 -11.63 -0.88
N TYR A 113 -14.59 -11.04 -2.05
CA TYR A 113 -13.40 -11.29 -2.84
C TYR A 113 -13.25 -10.15 -3.83
N TRP A 114 -12.22 -10.22 -4.67
CA TRP A 114 -11.86 -9.06 -5.48
C TRP A 114 -13.03 -8.58 -6.35
N LYS A 115 -13.84 -9.50 -6.86
CA LYS A 115 -14.94 -9.10 -7.74
C LYS A 115 -16.18 -8.68 -6.98
N ALA A 116 -16.26 -8.97 -5.68
CA ALA A 116 -17.41 -8.62 -4.85
C ALA A 116 -16.85 -8.09 -3.54
N PRO A 117 -16.37 -6.85 -3.54
CA PRO A 117 -15.54 -6.38 -2.41
C PRO A 117 -16.28 -6.19 -1.11
N GLU A 118 -17.61 -6.09 -1.13
CA GLU A 118 -18.40 -6.04 0.10
C GLU A 118 -19.18 -7.32 0.31
N GLY A 119 -18.85 -8.39 -0.42
CA GLY A 119 -19.53 -9.65 -0.30
C GLY A 119 -20.71 -9.76 -1.23
N PRO A 120 -21.55 -10.76 -0.98
CA PRO A 120 -22.74 -10.98 -1.83
C PRO A 120 -23.52 -9.71 -2.07
N GLY A 121 -23.85 -9.47 -3.32
CA GLY A 121 -24.62 -8.31 -3.72
C GLY A 121 -23.78 -7.18 -4.28
N SER A 122 -22.48 -7.20 -4.03
CA SER A 122 -21.58 -6.16 -4.52
C SER A 122 -20.91 -6.60 -5.80
N SER A 123 -20.33 -5.64 -6.51
CA SER A 123 -19.64 -5.91 -7.75
C SER A 123 -18.67 -4.77 -8.01
N ILE A 124 -17.88 -4.92 -9.07
CA ILE A 124 -16.88 -3.93 -9.44
C ILE A 124 -17.16 -3.29 -10.79
N THR A 125 -18.37 -3.48 -11.32
CA THR A 125 -18.74 -2.92 -12.61
C THR A 125 -18.54 -1.41 -12.63
N ASP A 126 -18.86 -0.74 -11.53
CA ASP A 126 -18.72 0.70 -11.43
C ASP A 126 -17.37 1.13 -10.86
N ARG A 127 -16.42 0.21 -10.70
CA ARG A 127 -15.11 0.50 -10.17
C ARG A 127 -13.99 -0.09 -11.01
N PRO A 128 -14.06 -0.02 -12.35
CA PRO A 128 -13.02 -0.71 -13.14
C PRO A 128 -11.62 -0.19 -12.90
N ASN A 129 -11.46 1.09 -12.60
CA ASN A 129 -10.13 1.65 -12.41
C ASN A 129 -9.79 1.89 -10.95
N HIS A 130 -10.56 1.33 -10.03
CA HIS A 130 -10.18 1.33 -8.62
C HIS A 130 -9.12 0.25 -8.39
N PRO A 131 -8.34 0.39 -7.31
CA PRO A 131 -7.36 -0.67 -6.99
C PRO A 131 -8.08 -1.97 -6.70
N VAL A 132 -7.50 -3.07 -7.18
CA VAL A 132 -8.03 -4.37 -6.80
C VAL A 132 -7.75 -4.60 -5.33
N VAL A 133 -8.74 -5.13 -4.62
CA VAL A 133 -8.62 -5.44 -3.19
C VAL A 133 -8.99 -6.91 -2.97
N HIS A 134 -8.94 -7.34 -1.71
CA HIS A 134 -9.07 -8.75 -1.35
C HIS A 134 -8.03 -9.61 -2.05
N VAL A 135 -6.88 -9.02 -2.36
CA VAL A 135 -5.75 -9.75 -2.92
C VAL A 135 -4.72 -9.93 -1.82
N SER A 136 -4.31 -11.18 -1.62
CA SER A 136 -3.29 -11.51 -0.64
C SER A 136 -1.90 -11.23 -1.23
N TRP A 137 -0.88 -11.40 -0.40
CA TRP A 137 0.49 -11.30 -0.88
C TRP A 137 0.75 -12.36 -1.95
N ASN A 138 0.25 -13.57 -1.74
CA ASN A 138 0.39 -14.61 -2.76
C ASN A 138 -0.26 -14.19 -4.07
N ASP A 139 -1.46 -13.60 -3.99
CA ASP A 139 -2.15 -13.17 -5.20
C ASP A 139 -1.37 -12.06 -5.89
N ALA A 140 -0.82 -11.13 -5.11
CA ALA A 140 -0.04 -10.03 -5.68
C ALA A 140 1.19 -10.56 -6.40
N VAL A 141 1.89 -11.51 -5.78
CA VAL A 141 3.06 -12.11 -6.41
C VAL A 141 2.66 -12.85 -7.68
N ALA A 142 1.53 -13.54 -7.65
CA ALA A 142 1.08 -14.25 -8.85
C ALA A 142 0.85 -13.29 -10.00
N TYR A 143 0.14 -12.19 -9.73
CA TYR A 143 -0.06 -11.16 -10.76
C TYR A 143 1.27 -10.61 -11.24
N ALA A 144 2.13 -10.19 -10.31
CA ALA A 144 3.39 -9.57 -10.69
C ALA A 144 4.21 -10.52 -11.56
N THR A 145 4.25 -11.80 -11.18
CA THR A 145 5.03 -12.77 -11.95
C THR A 145 4.46 -12.92 -13.35
N TRP A 146 3.14 -13.02 -13.48
CA TRP A 146 2.50 -13.06 -14.79
C TRP A 146 2.84 -11.83 -15.63
N ALA A 147 2.93 -10.67 -14.98
CA ALA A 147 3.25 -9.43 -15.67
C ALA A 147 4.73 -9.27 -15.97
N GLY A 148 5.59 -10.21 -15.58
CA GLY A 148 7.01 -10.05 -15.76
C GLY A 148 7.65 -9.08 -14.78
N LYS A 149 7.02 -8.87 -13.63
CA LYS A 149 7.42 -7.86 -12.66
C LYS A 149 7.59 -8.50 -11.30
N ARG A 150 7.69 -7.69 -10.25
CA ARG A 150 7.90 -8.16 -8.89
C ARG A 150 7.23 -7.18 -7.95
N LEU A 151 7.26 -7.48 -6.67
CA LEU A 151 6.85 -6.50 -5.69
C LEU A 151 8.03 -5.61 -5.30
N PRO A 152 7.78 -4.35 -4.99
CA PRO A 152 8.88 -3.49 -4.51
C PRO A 152 9.32 -3.94 -3.14
N THR A 153 10.60 -3.72 -2.83
CA THR A 153 11.01 -3.82 -1.43
C THR A 153 10.40 -2.66 -0.66
N GLU A 154 10.40 -2.77 0.68
CA GLU A 154 9.87 -1.67 1.46
C GLU A 154 10.65 -0.38 1.20
N ALA A 155 11.98 -0.49 1.09
CA ALA A 155 12.80 0.70 0.84
C ALA A 155 12.52 1.29 -0.53
N GLU A 156 12.35 0.45 -1.56
CA GLU A 156 11.99 0.96 -2.88
C GLU A 156 10.64 1.67 -2.81
N TRP A 157 9.66 1.04 -2.18
CA TRP A 157 8.35 1.64 -2.03
C TRP A 157 8.47 3.02 -1.38
N GLU A 158 9.21 3.10 -0.27
CA GLU A 158 9.27 4.34 0.48
C GLU A 158 10.06 5.42 -0.26
N MET A 159 11.17 5.06 -0.92
CA MET A 159 11.87 6.05 -1.72
C MET A 159 10.95 6.61 -2.79
N ALA A 160 10.25 5.73 -3.50
CA ALA A 160 9.36 6.19 -4.55
C ALA A 160 8.23 7.03 -4.00
N ALA A 161 7.65 6.62 -2.87
CA ALA A 161 6.51 7.33 -2.31
C ALA A 161 6.93 8.71 -1.79
N ARG A 162 8.17 8.86 -1.34
CA ARG A 162 8.64 10.13 -0.83
C ARG A 162 8.86 11.16 -1.93
N GLY A 163 9.03 10.71 -3.17
CA GLY A 163 9.01 11.63 -4.30
C GLY A 163 10.12 12.66 -4.26
N GLY A 164 11.27 12.32 -3.70
CA GLY A 164 12.41 13.21 -3.70
C GLY A 164 12.49 14.18 -2.54
N LEU A 165 11.51 14.18 -1.63
CA LEU A 165 11.54 15.06 -0.47
C LEU A 165 12.24 14.35 0.69
N ASP A 166 12.99 15.12 1.48
CA ASP A 166 13.77 14.57 2.58
C ASP A 166 12.93 14.63 3.86
N GLN A 167 12.51 13.45 4.36
CA GLN A 167 11.90 13.34 5.68
C GLN A 167 10.65 14.22 5.84
N ALA A 168 9.85 14.31 4.78
CA ALA A 168 8.52 14.88 4.87
C ALA A 168 7.56 13.87 5.48
N ARG A 169 6.46 14.37 6.03
CA ARG A 169 5.48 13.51 6.67
C ARG A 169 4.70 12.69 5.64
N TYR A 170 4.37 13.30 4.50
CA TYR A 170 3.51 12.74 3.46
C TYR A 170 4.25 12.80 2.14
N PRO A 171 3.74 12.13 1.11
CA PRO A 171 4.44 12.14 -0.19
C PRO A 171 4.71 13.53 -0.75
N TRP A 172 3.83 14.50 -0.45
CA TRP A 172 3.88 15.85 -1.03
C TRP A 172 4.45 16.89 -0.09
N GLY A 173 4.73 16.56 1.17
CA GLY A 173 5.20 17.53 2.14
C GLY A 173 4.68 17.22 3.52
N ASN A 174 4.65 18.25 4.38
CA ASN A 174 4.30 18.05 5.79
C ASN A 174 2.85 18.36 6.14
N GLU A 175 2.13 19.08 5.28
CA GLU A 175 0.72 19.41 5.54
C GLU A 175 -0.17 18.33 4.92
N LEU A 176 -1.12 17.84 5.70
CA LEU A 176 -2.02 16.80 5.19
C LEU A 176 -2.87 17.31 4.03
N THR A 177 -3.43 18.51 4.15
CA THR A 177 -4.25 19.12 3.10
C THR A 177 -3.67 20.48 2.75
N PRO A 178 -2.62 20.53 1.93
CA PRO A 178 -2.05 21.83 1.55
C PRO A 178 -3.11 22.68 0.87
N ARG A 179 -3.20 23.94 1.30
CA ARG A 179 -4.22 24.87 0.82
C ARG A 179 -5.64 24.40 1.13
N GLY A 180 -5.80 23.47 2.06
CA GLY A 180 -7.11 22.92 2.34
C GLY A 180 -7.61 21.94 1.32
N ARG A 181 -6.78 21.57 0.34
CA ARG A 181 -7.19 20.63 -0.70
C ARG A 181 -6.70 19.22 -0.37
N HIS A 182 -7.56 18.24 -0.61
CA HIS A 182 -7.19 16.86 -0.37
C HIS A 182 -6.19 16.35 -1.38
N ARG A 183 -5.22 15.60 -0.87
CA ARG A 183 -4.16 14.99 -1.65
C ARG A 183 -4.21 13.46 -1.61
N CYS A 184 -5.12 12.88 -0.85
CA CYS A 184 -5.18 11.43 -0.70
C CYS A 184 -6.56 11.07 -0.15
N ASN A 185 -6.87 9.78 -0.27
CA ASN A 185 -8.15 9.22 0.15
C ASN A 185 -7.94 8.47 1.47
N ILE A 186 -8.31 9.14 2.56
CA ILE A 186 -8.33 8.54 3.90
C ILE A 186 -9.71 8.79 4.49
N TRP A 187 -9.86 8.65 5.81
CA TRP A 187 -11.15 8.91 6.46
C TRP A 187 -11.21 10.36 6.90
N GLN A 188 -12.37 10.98 6.75
CA GLN A 188 -12.68 12.20 7.49
C GLN A 188 -13.97 11.97 8.27
N GLY A 189 -14.06 12.61 9.44
CA GLY A 189 -15.26 12.49 10.25
C GLY A 189 -14.97 11.84 11.58
N THR A 190 -15.81 10.88 11.98
CA THR A 190 -15.68 10.20 13.27
C THR A 190 -15.58 8.70 13.02
N PHE A 191 -14.39 8.14 13.25
CA PHE A 191 -14.17 6.72 12.97
C PHE A 191 -14.68 5.88 14.13
N PRO A 192 -15.38 4.77 13.85
CA PRO A 192 -15.71 4.21 12.53
C PRO A 192 -17.16 4.46 12.12
N VAL A 193 -17.83 5.41 12.78
CA VAL A 193 -19.28 5.53 12.63
C VAL A 193 -19.74 6.46 11.51
N HIS A 194 -18.92 7.44 11.11
CA HIS A 194 -19.37 8.38 10.07
C HIS A 194 -18.18 8.92 9.30
N ASP A 195 -18.06 8.52 8.04
CA ASP A 195 -17.09 9.05 7.10
C ASP A 195 -17.78 10.13 6.29
N THR A 196 -17.29 11.38 6.41
CA THR A 196 -17.93 12.48 5.70
C THR A 196 -17.57 12.53 4.22
N GLY A 197 -16.57 11.78 3.78
CA GLY A 197 -16.26 11.76 2.36
C GLY A 197 -15.79 13.09 1.80
N GLU A 198 -15.16 13.91 2.63
CA GLU A 198 -14.72 15.22 2.16
C GLU A 198 -13.70 15.14 1.04
N ASP A 199 -12.90 14.07 1.00
CA ASP A 199 -11.94 13.89 -0.08
C ASP A 199 -12.58 13.33 -1.34
N GLY A 200 -13.90 13.12 -1.34
CA GLY A 200 -14.59 12.63 -2.51
C GLY A 200 -14.99 11.17 -2.46
N TYR A 201 -14.51 10.40 -1.47
CA TYR A 201 -14.67 8.95 -1.51
C TYR A 201 -14.88 8.40 -0.10
N THR A 202 -15.97 7.65 0.05
N THR A 202 -15.90 7.56 0.09
CA THR A 202 -16.23 6.80 1.20
CA THR A 202 -16.05 6.85 1.35
C THR A 202 -16.08 5.35 0.74
C THR A 202 -15.64 5.38 1.24
N GLY A 203 -14.90 5.06 0.19
CA GLY A 203 -14.50 3.71 -0.14
C GLY A 203 -13.24 3.99 -0.94
N THR A 204 -12.81 3.03 -1.75
CA THR A 204 -11.66 3.27 -2.60
C THR A 204 -11.99 4.34 -3.65
N ALA A 205 -10.93 4.91 -4.19
CA ALA A 205 -10.94 5.87 -5.29
C ALA A 205 -10.22 5.25 -6.49
N PRO A 206 -10.45 5.77 -7.70
CA PRO A 206 -9.64 5.32 -8.84
C PRO A 206 -8.15 5.43 -8.55
N VAL A 207 -7.39 4.48 -9.12
CA VAL A 207 -5.95 4.42 -8.88
C VAL A 207 -5.24 5.66 -9.36
N ASN A 208 -5.87 6.46 -10.23
CA ASN A 208 -5.25 7.67 -10.76
C ASN A 208 -5.90 8.93 -10.22
N ALA A 209 -6.62 8.85 -9.09
CA ALA A 209 -7.18 10.02 -8.45
C ALA A 209 -6.09 10.79 -7.70
N PHE A 210 -6.38 12.06 -7.43
CA PHE A 210 -5.53 12.99 -6.70
C PHE A 210 -4.23 13.30 -7.45
N ALA A 211 -3.41 14.17 -6.90
CA ALA A 211 -2.23 14.61 -7.60
C ALA A 211 -1.11 13.56 -7.52
N PRO A 212 -0.23 13.52 -8.49
CA PRO A 212 0.98 12.70 -8.36
C PRO A 212 1.92 13.32 -7.34
N ASN A 213 2.87 12.50 -6.87
CA ASN A 213 3.98 13.02 -6.08
C ASN A 213 5.10 13.45 -7.01
N GLY A 214 6.27 13.79 -6.44
CA GLY A 214 7.35 14.34 -7.24
C GLY A 214 7.97 13.36 -8.22
N TYR A 215 7.71 12.07 -8.06
CA TYR A 215 8.17 11.06 -9.00
C TYR A 215 7.06 10.53 -9.90
N GLY A 216 5.87 11.10 -9.82
CA GLY A 216 4.78 10.67 -10.67
C GLY A 216 3.88 9.60 -10.11
N LEU A 217 4.06 9.19 -8.86
CA LEU A 217 3.23 8.12 -8.29
C LEU A 217 1.94 8.68 -7.72
N TYR A 218 0.87 7.90 -7.88
CA TYR A 218 -0.46 8.26 -7.43
C TYR A 218 -0.90 7.35 -6.30
N ASN A 219 -1.49 7.96 -5.27
CA ASN A 219 -2.14 7.23 -4.17
C ASN A 219 -1.18 6.30 -3.44
N VAL A 220 0.07 6.74 -3.30
CA VAL A 220 0.96 6.04 -2.38
C VAL A 220 0.48 6.22 -0.95
N ALA A 221 0.02 7.42 -0.58
CA ALA A 221 -0.65 7.65 0.69
C ALA A 221 -2.15 7.43 0.51
N GLY A 222 -2.74 6.65 1.42
CA GLY A 222 -4.16 6.42 1.39
C GLY A 222 -4.60 5.46 0.29
N ASN A 223 -5.92 5.39 0.12
CA ASN A 223 -6.58 4.51 -0.83
C ASN A 223 -6.49 3.05 -0.37
N VAL A 224 -5.43 2.32 -0.70
CA VAL A 224 -5.26 0.97 -0.18
C VAL A 224 -3.85 0.78 0.36
N TRP A 225 -3.73 -0.04 1.40
CA TRP A 225 -2.43 -0.59 1.79
C TRP A 225 -1.85 -1.38 0.63
N GLU A 226 -0.53 -1.39 0.51
CA GLU A 226 0.14 -2.01 -0.63
C GLU A 226 1.18 -3.02 -0.17
N TRP A 227 1.04 -4.25 -0.63
CA TRP A 227 1.99 -5.31 -0.29
C TRP A 227 3.38 -5.00 -0.84
N CYS A 228 4.39 -5.22 -0.01
CA CYS A 228 5.78 -5.17 -0.43
C CYS A 228 6.40 -6.56 -0.34
N ALA A 229 7.63 -6.67 -0.86
CA ALA A 229 8.30 -7.96 -0.89
C ALA A 229 8.73 -8.45 0.49
N ASP A 230 9.06 -7.52 1.39
CA ASP A 230 9.83 -7.87 2.59
C ASP A 230 8.99 -8.66 3.60
N TRP A 231 9.65 -9.60 4.27
CA TRP A 231 9.14 -10.06 5.56
C TRP A 231 9.13 -8.92 6.56
N TRP A 232 8.10 -8.90 7.40
CA TRP A 232 7.98 -7.92 8.46
C TRP A 232 8.95 -8.21 9.60
N SER A 233 9.57 -7.14 10.10
CA SER A 233 10.20 -7.10 11.41
C SER A 233 10.05 -5.68 11.95
N ALA A 234 10.01 -5.56 13.27
CA ALA A 234 10.03 -4.24 13.87
C ALA A 234 11.44 -3.69 14.04
N ASP A 235 12.47 -4.55 13.98
CA ASP A 235 13.79 -4.06 14.34
C ASP A 235 14.95 -4.67 13.56
N TRP A 236 14.72 -5.53 12.56
CA TRP A 236 15.83 -6.01 11.73
C TRP A 236 16.62 -4.82 11.17
N HIS A 237 15.92 -3.77 10.78
CA HIS A 237 16.53 -2.60 10.16
C HIS A 237 17.15 -1.64 11.16
N ALA A 238 17.08 -1.93 12.47
CA ALA A 238 17.60 -0.98 13.44
C ALA A 238 19.12 -0.90 13.39
N THR A 239 19.79 -2.03 13.15
CA THR A 239 21.25 -2.04 13.12
CA THR A 239 21.24 -2.01 13.14
C THR A 239 21.77 -1.42 11.84
N GLU A 240 22.94 -0.79 11.94
CA GLU A 240 23.63 -0.21 10.79
C GLU A 240 24.52 -1.29 10.19
N SER A 241 24.23 -1.70 8.96
CA SER A 241 25.04 -2.70 8.27
C SER A 241 24.76 -2.57 6.79
N PRO A 242 25.65 -3.10 5.93
CA PRO A 242 25.34 -3.10 4.50
C PRO A 242 24.01 -3.76 4.17
N ALA A 243 23.67 -4.86 4.86
CA ALA A 243 22.43 -5.56 4.54
C ALA A 243 21.20 -4.73 4.87
N THR A 244 21.28 -3.86 5.87
CA THR A 244 20.14 -3.05 6.25
C THR A 244 20.13 -1.65 5.64
N ARG A 245 21.16 -1.28 4.88
CA ARG A 245 21.27 0.09 4.39
C ARG A 245 21.56 0.20 2.91
N ILE A 246 21.98 -0.87 2.25
CA ILE A 246 22.28 -0.85 0.82
C ILE A 246 21.37 -1.88 0.17
N ASP A 247 20.45 -1.43 -0.67
CA ASP A 247 19.46 -2.32 -1.27
C ASP A 247 18.87 -3.30 -0.25
N PRO A 248 18.39 -2.80 0.90
CA PRO A 248 17.94 -3.73 1.94
C PRO A 248 16.72 -4.52 1.50
N ARG A 249 16.71 -5.80 1.85
CA ARG A 249 15.63 -6.69 1.45
C ARG A 249 14.82 -7.19 2.63
N GLY A 250 15.12 -6.76 3.84
CA GLY A 250 14.40 -7.21 5.01
C GLY A 250 14.94 -8.52 5.54
N PRO A 251 14.36 -9.00 6.64
CA PRO A 251 14.86 -10.23 7.25
C PRO A 251 14.66 -11.42 6.35
N GLU A 252 15.51 -12.43 6.55
CA GLU A 252 15.46 -13.60 5.68
C GLU A 252 14.23 -14.45 5.91
N THR A 253 13.60 -14.38 7.08
CA THR A 253 12.37 -15.10 7.31
C THR A 253 11.44 -14.24 8.15
N GLY A 254 10.21 -14.73 8.27
CA GLY A 254 9.18 -14.03 9.04
C GLY A 254 7.90 -14.81 8.93
N THR A 255 6.83 -14.21 9.46
CA THR A 255 5.51 -14.79 9.33
C THR A 255 4.48 -13.85 8.73
N ALA A 256 4.79 -12.57 8.57
CA ALA A 256 3.91 -11.62 7.92
C ALA A 256 4.75 -10.79 6.96
N ARG A 257 4.12 -10.33 5.88
CA ARG A 257 4.77 -9.48 4.89
C ARG A 257 4.37 -8.03 5.10
N VAL A 258 5.27 -7.12 4.72
CA VAL A 258 5.07 -5.69 4.92
C VAL A 258 4.00 -5.15 3.98
N THR A 259 3.18 -4.23 4.48
CA THR A 259 2.33 -3.38 3.67
C THR A 259 2.62 -1.92 4.00
N LYS A 260 2.43 -1.04 3.00
CA LYS A 260 2.77 0.37 3.13
C LYS A 260 1.63 1.25 2.60
N GLY A 261 1.57 2.47 3.12
CA GLY A 261 0.82 3.55 2.48
C GLY A 261 -0.44 4.00 3.18
N GLY A 262 -1.06 3.15 3.99
CA GLY A 262 -2.35 3.51 4.56
C GLY A 262 -3.47 3.39 3.52
N SER A 263 -4.68 3.69 3.97
CA SER A 263 -5.88 3.32 3.21
C SER A 263 -7.01 4.32 3.44
N PHE A 264 -8.09 4.11 2.69
CA PHE A 264 -9.29 4.95 2.79
C PHE A 264 -9.94 4.92 4.17
N LEU A 265 -9.58 3.95 5.01
CA LEU A 265 -10.12 3.85 6.36
C LEU A 265 -9.27 4.53 7.41
N CYS A 266 -8.04 4.92 7.10
CA CYS A 266 -7.12 5.37 8.13
C CYS A 266 -7.47 6.78 8.60
N HIS A 267 -7.22 7.02 9.89
CA HIS A 267 -7.61 8.27 10.52
C HIS A 267 -6.66 8.55 11.67
N GLU A 268 -6.42 9.84 11.92
CA GLU A 268 -5.50 10.22 12.99
C GLU A 268 -5.98 9.74 14.36
N SER A 269 -7.30 9.62 14.55
CA SER A 269 -7.82 9.28 15.86
C SER A 269 -7.59 7.82 16.24
N TYR A 270 -7.25 6.93 15.30
CA TYR A 270 -6.94 5.56 15.73
C TYR A 270 -5.58 5.08 15.29
N CYS A 271 -5.32 4.94 13.99
CA CYS A 271 -4.05 4.35 13.58
C CYS A 271 -3.00 5.38 13.20
N ASN A 272 -3.40 6.51 12.63
CA ASN A 272 -2.48 7.54 12.12
C ASN A 272 -1.44 6.95 11.18
N ARG A 273 -1.83 5.97 10.35
CA ARG A 273 -0.87 5.21 9.55
C ARG A 273 -0.86 5.61 8.08
N TYR A 274 -1.24 6.84 7.74
CA TYR A 274 -1.16 7.31 6.36
C TYR A 274 0.06 8.20 6.09
N ARG A 275 0.98 8.32 7.04
CA ARG A 275 2.27 8.97 6.84
C ARG A 275 3.18 8.02 6.06
N VAL A 276 4.09 8.59 5.26
CA VAL A 276 4.92 7.78 4.36
CA VAL A 276 4.88 7.77 4.36
C VAL A 276 5.81 6.81 5.11
N ALA A 277 6.24 7.16 6.34
CA ALA A 277 7.07 6.26 7.13
C ALA A 277 6.29 5.11 7.75
N ALA A 278 4.97 5.17 7.72
CA ALA A 278 4.18 4.16 8.41
C ALA A 278 4.34 2.80 7.74
N ARG A 279 3.99 1.75 8.47
CA ARG A 279 4.16 0.40 7.98
C ARG A 279 3.33 -0.52 8.85
N THR A 280 2.80 -1.57 8.24
CA THR A 280 2.17 -2.64 8.99
C THR A 280 2.41 -3.94 8.24
N CYS A 281 1.70 -4.99 8.61
CA CYS A 281 1.97 -6.29 8.02
C CYS A 281 0.72 -7.15 8.14
N ASN A 282 0.72 -8.22 7.36
CA ASN A 282 -0.34 -9.22 7.41
C ASN A 282 0.26 -10.55 6.95
N THR A 283 -0.35 -11.64 7.37
CA THR A 283 0.12 -12.94 6.89
C THR A 283 -0.12 -13.03 5.39
N PRO A 284 0.73 -13.74 4.65
CA PRO A 284 0.73 -13.59 3.19
C PRO A 284 -0.50 -14.15 2.50
N ASP A 285 -1.27 -15.01 3.16
CA ASP A 285 -2.51 -15.54 2.60
C ASP A 285 -3.73 -14.76 3.03
N SER A 286 -3.56 -13.68 3.76
CA SER A 286 -4.68 -12.87 4.23
CA SER A 286 -4.68 -12.87 4.23
C SER A 286 -5.03 -11.79 3.22
N SER A 287 -6.26 -11.29 3.34
CA SER A 287 -6.77 -10.30 2.40
C SER A 287 -7.82 -9.45 3.08
N ALA A 288 -8.08 -8.27 2.50
CA ALA A 288 -9.02 -7.33 3.10
C ALA A 288 -9.45 -6.31 2.08
N ALA A 289 -10.57 -5.64 2.39
CA ALA A 289 -11.17 -4.67 1.47
C ALA A 289 -10.34 -3.41 1.28
N HIS A 290 -9.29 -3.19 2.08
CA HIS A 290 -8.51 -1.97 1.98
C HIS A 290 -7.05 -2.24 1.61
N THR A 291 -6.76 -3.42 1.05
CA THR A 291 -5.38 -3.80 0.77
C THR A 291 -5.25 -4.30 -0.66
N GLY A 292 -4.32 -3.70 -1.39
CA GLY A 292 -3.99 -4.06 -2.76
C GLY A 292 -2.48 -4.06 -2.95
N PHE A 293 -2.00 -3.63 -4.11
CA PHE A 293 -0.56 -3.66 -4.36
C PHE A 293 -0.23 -2.88 -5.63
N ARG A 294 1.05 -2.52 -5.76
CA ARG A 294 1.61 -2.01 -7.00
C ARG A 294 2.90 -2.79 -7.28
N CYS A 295 3.25 -2.91 -8.55
CA CYS A 295 4.40 -3.71 -8.93
C CYS A 295 5.64 -2.84 -9.13
N ALA A 296 6.78 -3.50 -9.18
CA ALA A 296 8.07 -2.90 -9.46
C ALA A 296 8.80 -3.80 -10.46
N ALA A 297 9.95 -3.32 -10.96
CA ALA A 297 10.74 -4.12 -11.89
C ALA A 297 12.17 -3.63 -11.88
N ASP A 298 13.07 -4.51 -12.29
CA ASP A 298 14.46 -4.08 -12.42
C ASP A 298 14.71 -3.59 -13.84
N PRO A 299 15.57 -2.58 -14.02
CA PRO A 299 15.84 -1.99 -15.34
C PRO A 299 16.40 -3.00 -16.34
CD CD B . -5.25 2.46 9.36
C1 MPD C . 3.18 -16.55 -13.81
C2 MPD C . 1.99 -17.50 -13.73
O2 MPD C . 2.46 -18.83 -14.07
CM MPD C . 0.94 -17.05 -14.74
C3 MPD C . 1.43 -17.50 -12.31
C4 MPD C . 0.07 -18.18 -12.18
O4 MPD C . 0.15 -19.13 -11.16
C5 MPD C . -1.04 -17.18 -11.85
C1 MRD D . -8.17 -6.62 8.14
C2 MRD D . -7.19 -6.90 9.27
O2 MRD D . -7.97 -7.28 10.44
CM MRD D . -6.24 -8.03 8.94
C3 MRD D . -6.39 -5.65 9.61
C4 MRD D . -6.14 -5.55 11.11
O4 MRD D . -6.55 -4.28 11.58
C5 MRD D . -4.67 -5.75 11.42
C1 MRD E . 1.94 -7.31 -20.76
C2 MRD E . 1.05 -7.84 -19.65
O2 MRD E . -0.33 -7.61 -20.02
CM MRD E . 1.25 -9.34 -19.47
C3 MRD E . 1.34 -7.11 -18.35
C4 MRD E . 0.51 -5.84 -18.23
O4 MRD E . 1.25 -4.75 -18.73
C5 MRD E . 0.15 -5.55 -16.77
C ACT F . -3.75 0.24 9.81
O ACT F . -3.58 1.24 10.51
OXT ACT F . -4.62 0.21 8.91
CH3 ACT F . -2.96 -1.00 10.08
CA CA G . -12.05 9.15 1.90
CA CA H . -1.59 3.51 -0.44
#